data_5LI1
#
_entry.id   5LI1
#
_cell.length_a   82.030
_cell.length_b   82.030
_cell.length_c   90.790
_cell.angle_alpha   90.00
_cell.angle_beta   90.00
_cell.angle_gamma   120.00
#
_symmetry.space_group_name_H-M   'P 31 2 1'
#
loop_
_entity.id
_entity.type
_entity.pdbx_description
1 polymer 'Protein kinase C iota type'
2 polymer 'Par-3 partitioning defective 3 homolog (C. elegans)'
3 non-polymer 'PHOSPHOAMINOPHOSPHONIC ACID-ADENYLATE ESTER'
4 non-polymer GLYCEROL
5 non-polymer 'POTASSIUM ION'
6 non-polymer 'MAGNESIUM ION'
7 water water
#
loop_
_entity_poly.entity_id
_entity_poly.type
_entity_poly.pdbx_seq_one_letter_code
_entity_poly.pdbx_strand_id
1 'polypeptide(L)'
;GPLSFSLGLQDFDLLRVIGRGSYAKVLLVRLKKTDRIYAMKVVKKELVNDDEDIDWVQTEKHVFEQASNHPFLVGLHSCF
QTESRLFFVIEYVNGGDLMFHMQRQRKLPEEHARFYSAEISLALNYLHERGIIYRDLKLDNVLLDSEGHIKLTDYGMCKE
GLRPGDTTS(TPO)FCGTPNYIAPEILRGEDYGFSVDWWALGVLMFEMMAGRSPFDIVGSSDNPDQNTEDYLFQVILEKQ
IRIPR(SEP)LSVKAASVLKSFLNKDPKERLGCHPQTGFADIQGHPFFRNVDWDMMEQKQVVPPFKPNISGEFGLDNFDS
QFTNEPVQL(TPO)PDDDDIVRKIDQSEFEGFEYINPLLMSAEECV
;
A
2 'polypeptide(L)' LAFQREGFGRQSMSEKRTKQ B
#
# COMPACT_ATOMS: atom_id res chain seq x y z
N SER A 4 -23.03 -20.20 14.43
CA SER A 4 -22.55 -19.10 13.60
C SER A 4 -21.44 -19.53 12.63
N PHE A 5 -21.49 -18.99 11.41
CA PHE A 5 -20.52 -19.31 10.38
C PHE A 5 -19.13 -18.74 10.67
N SER A 6 -19.08 -17.68 11.48
CA SER A 6 -17.88 -16.86 11.58
C SER A 6 -16.71 -17.49 12.34
N LEU A 7 -15.51 -17.13 11.93
CA LEU A 7 -14.30 -17.54 12.63
C LEU A 7 -14.03 -16.55 13.73
N GLY A 8 -13.21 -16.96 14.71
CA GLY A 8 -12.77 -16.04 15.74
C GLY A 8 -11.29 -16.15 16.02
N LEU A 9 -10.82 -15.36 16.97
CA LEU A 9 -9.41 -15.33 17.33
C LEU A 9 -8.93 -16.72 17.76
N GLN A 10 -9.81 -17.49 18.38
CA GLN A 10 -9.45 -18.80 18.90
C GLN A 10 -9.32 -19.85 17.79
N ASP A 11 -9.65 -19.47 16.56
CA ASP A 11 -9.46 -20.35 15.41
C ASP A 11 -8.05 -20.22 14.83
N PHE A 12 -7.23 -19.36 15.42
CA PHE A 12 -5.89 -19.07 14.87
C PHE A 12 -4.74 -19.27 15.86
N ASP A 13 -3.59 -19.69 15.32
CA ASP A 13 -2.34 -19.69 16.08
C ASP A 13 -1.57 -18.43 15.72
N LEU A 14 -1.07 -17.72 16.72
CA LEU A 14 -0.25 -16.53 16.46
C LEU A 14 1.21 -16.92 16.36
N LEU A 15 1.83 -16.67 15.21
CA LEU A 15 3.19 -17.17 14.97
C LEU A 15 4.29 -16.14 15.15
N ARG A 16 4.09 -14.94 14.61
CA ARG A 16 5.16 -13.95 14.59
C ARG A 16 4.57 -12.58 14.31
N VAL A 17 5.21 -11.54 14.82
CA VAL A 17 4.89 -10.17 14.38
C VAL A 17 5.72 -9.92 13.12
N ILE A 18 5.08 -9.44 12.05
CA ILE A 18 5.80 -9.21 10.79
C ILE A 18 5.81 -7.75 10.32
N GLY A 19 5.02 -6.90 10.96
CA GLY A 19 4.97 -5.49 10.57
C GLY A 19 4.09 -4.61 11.43
N ARG A 20 4.30 -3.31 11.32
CA ARG A 20 3.51 -2.28 11.99
C ARG A 20 3.46 -1.04 11.10
N GLY A 21 2.37 -0.29 11.18
CA GLY A 21 2.30 1.03 10.58
C GLY A 21 1.70 2.02 11.57
N SER A 22 1.18 3.13 11.05
CA SER A 22 0.60 4.16 11.93
C SER A 22 -0.70 3.70 12.60
N TYR A 23 -1.36 2.72 12.02
CA TYR A 23 -2.73 2.38 12.42
C TYR A 23 -2.94 0.94 12.84
N ALA A 24 -2.00 0.06 12.50
CA ALA A 24 -2.19 -1.37 12.76
C ALA A 24 -0.90 -2.13 13.06
N LYS A 25 -1.07 -3.33 13.60
CA LYS A 25 0.01 -4.27 13.85
C LYS A 25 -0.29 -5.46 12.94
N VAL A 26 0.72 -6.06 12.32
CA VAL A 26 0.46 -7.18 11.43
C VAL A 26 1.19 -8.43 11.92
N LEU A 27 0.45 -9.53 12.03
CA LEU A 27 1.02 -10.79 12.52
C LEU A 27 0.95 -11.91 11.47
N LEU A 28 1.85 -12.86 11.58
CA LEU A 28 1.78 -14.09 10.81
C LEU A 28 0.94 -15.07 11.62
N VAL A 29 -0.05 -15.70 10.99
CA VAL A 29 -0.97 -16.56 11.69
C VAL A 29 -1.24 -17.88 10.95
N ARG A 30 -1.70 -18.87 11.71
CA ARG A 30 -2.07 -20.15 11.14
C ARG A 30 -3.54 -20.43 11.44
N LEU A 31 -4.30 -20.76 10.40
CA LEU A 31 -5.67 -21.24 10.58
C LEU A 31 -5.60 -22.71 10.94
N LYS A 32 -5.97 -23.01 12.18
CA LYS A 32 -5.71 -24.32 12.75
C LYS A 32 -6.34 -25.49 11.99
N LYS A 33 -7.62 -25.38 11.66
CA LYS A 33 -8.36 -26.49 11.03
CA LYS A 33 -8.36 -26.49 11.03
C LYS A 33 -7.87 -26.83 9.62
N THR A 34 -7.17 -25.90 8.97
CA THR A 34 -6.67 -26.17 7.62
C THR A 34 -5.16 -26.21 7.53
N ASP A 35 -4.49 -25.76 8.60
CA ASP A 35 -3.02 -25.68 8.62
C ASP A 35 -2.50 -24.65 7.62
N ARG A 36 -3.35 -23.70 7.22
CA ARG A 36 -3.00 -22.68 6.24
C ARG A 36 -2.49 -21.39 6.90
N ILE A 37 -1.50 -20.77 6.29
CA ILE A 37 -0.87 -19.58 6.84
C ILE A 37 -1.42 -18.31 6.21
N TYR A 38 -1.66 -17.30 7.04
CA TYR A 38 -2.19 -16.01 6.60
C TYR A 38 -1.49 -14.87 7.34
N ALA A 39 -1.66 -13.65 6.84
CA ALA A 39 -1.26 -12.49 7.63
C ALA A 39 -2.50 -11.98 8.34
N MET A 40 -2.31 -11.30 9.48
CA MET A 40 -3.45 -10.78 10.23
C MET A 40 -3.22 -9.32 10.64
N LYS A 41 -4.04 -8.44 10.08
CA LYS A 41 -3.95 -7.02 10.38
C LYS A 41 -4.84 -6.70 11.59
N VAL A 42 -4.27 -6.07 12.59
CA VAL A 42 -4.96 -5.83 13.86
C VAL A 42 -5.12 -4.34 14.17
N VAL A 43 -6.36 -3.90 14.30
CA VAL A 43 -6.67 -2.50 14.58
C VAL A 43 -7.35 -2.40 15.95
N LYS A 44 -6.90 -1.46 16.78
CA LYS A 44 -7.51 -1.31 18.11
C LYS A 44 -8.77 -0.44 18.11
N LYS A 45 -9.85 -0.94 18.68
CA LYS A 45 -11.11 -0.21 18.71
C LYS A 45 -11.04 1.15 19.43
N GLU A 46 -10.13 1.29 20.38
CA GLU A 46 -9.95 2.58 21.06
C GLU A 46 -9.46 3.66 20.10
N LEU A 47 -8.81 3.26 19.02
CA LEU A 47 -8.42 4.19 17.96
C LEU A 47 -9.60 4.63 17.12
N VAL A 48 -10.63 3.81 17.08
CA VAL A 48 -11.90 4.18 16.45
C VAL A 48 -12.68 5.13 17.35
N ASN A 49 -12.41 6.43 17.21
CA ASN A 49 -13.20 7.40 17.93
C ASN A 49 -14.48 7.72 17.16
N ASP A 50 -14.36 8.65 16.22
CA ASP A 50 -15.52 9.22 15.55
C ASP A 50 -16.06 8.40 14.38
N ASP A 51 -17.08 8.93 13.73
CA ASP A 51 -17.62 8.35 12.51
C ASP A 51 -16.55 8.26 11.43
N GLU A 52 -15.59 9.19 11.43
CA GLU A 52 -14.54 9.17 10.41
C GLU A 52 -13.64 7.95 10.58
N ASP A 53 -13.49 7.50 11.82
CA ASP A 53 -12.67 6.31 12.08
C ASP A 53 -13.45 5.05 11.69
N ILE A 54 -14.75 5.03 11.97
CA ILE A 54 -15.58 3.93 11.49
C ILE A 54 -15.56 3.87 9.95
N ASP A 55 -15.63 5.04 9.32
CA ASP A 55 -15.54 5.15 7.85
C ASP A 55 -14.33 4.41 7.29
N TRP A 56 -13.13 4.74 7.77
CA TRP A 56 -11.93 4.12 7.20
C TRP A 56 -11.86 2.62 7.43
N VAL A 57 -12.31 2.15 8.59
CA VAL A 57 -12.35 0.70 8.84
C VAL A 57 -13.28 0.02 7.84
N GLN A 58 -14.47 0.58 7.65
CA GLN A 58 -15.44 0.00 6.72
C GLN A 58 -14.94 0.07 5.26
N THR A 59 -14.31 1.18 4.90
CA THR A 59 -13.71 1.30 3.57
C THR A 59 -12.60 0.25 3.37
N GLU A 60 -11.72 0.10 4.36
CA GLU A 60 -10.64 -0.90 4.27
C GLU A 60 -11.20 -2.32 4.06
N LYS A 61 -12.25 -2.66 4.81
CA LYS A 61 -12.93 -3.94 4.62
C LYS A 61 -13.46 -4.09 3.19
N HIS A 62 -14.17 -3.06 2.70
CA HIS A 62 -14.80 -3.12 1.38
C HIS A 62 -13.77 -3.21 0.24
N VAL A 63 -12.70 -2.44 0.33
CA VAL A 63 -11.66 -2.54 -0.70
C VAL A 63 -10.99 -3.92 -0.64
N PHE A 64 -10.70 -4.41 0.57
CA PHE A 64 -10.17 -5.76 0.77
C PHE A 64 -11.03 -6.80 0.06
N GLU A 65 -12.35 -6.66 0.15
CA GLU A 65 -13.27 -7.58 -0.54
C GLU A 65 -13.10 -7.54 -2.05
N GLN A 66 -13.06 -6.33 -2.59
CA GLN A 66 -12.88 -6.14 -4.03
C GLN A 66 -11.49 -6.56 -4.52
N ALA A 67 -10.52 -6.53 -3.62
CA ALA A 67 -9.14 -6.88 -3.94
C ALA A 67 -9.00 -8.32 -4.41
N SER A 68 -9.93 -9.17 -3.97
CA SER A 68 -9.89 -10.59 -4.29
C SER A 68 -10.04 -10.86 -5.79
N ASN A 69 -10.56 -9.88 -6.53
CA ASN A 69 -10.72 -9.98 -7.97
C ASN A 69 -9.52 -9.56 -8.83
N HIS A 70 -8.43 -9.12 -8.22
CA HIS A 70 -7.28 -8.66 -9.02
C HIS A 70 -5.98 -9.32 -8.55
N PRO A 71 -5.12 -9.75 -9.48
CA PRO A 71 -3.86 -10.43 -9.12
C PRO A 71 -2.88 -9.59 -8.29
N PHE A 72 -2.89 -8.26 -8.43
CA PHE A 72 -1.86 -7.45 -7.77
C PHE A 72 -2.38 -6.64 -6.57
N LEU A 73 -3.47 -7.10 -5.96
CA LEU A 73 -3.99 -6.52 -4.70
C LEU A 73 -4.12 -7.65 -3.69
N VAL A 74 -3.85 -7.37 -2.42
CA VAL A 74 -3.97 -8.40 -1.38
C VAL A 74 -5.45 -8.68 -1.04
N GLY A 75 -5.85 -9.94 -1.12
CA GLY A 75 -7.23 -10.34 -0.88
C GLY A 75 -7.52 -10.69 0.58
N LEU A 76 -8.80 -10.82 0.89
CA LEU A 76 -9.28 -11.01 2.25
C LEU A 76 -9.78 -12.44 2.45
N HIS A 77 -9.34 -13.08 3.53
CA HIS A 77 -9.86 -14.39 3.90
C HIS A 77 -11.05 -14.28 4.85
N SER A 78 -10.90 -13.47 5.89
CA SER A 78 -11.96 -13.32 6.89
C SER A 78 -11.81 -12.07 7.74
N CYS A 79 -12.91 -11.68 8.41
CA CYS A 79 -12.95 -10.56 9.36
C CYS A 79 -13.65 -11.01 10.63
N PHE A 80 -13.19 -10.52 11.78
CA PHE A 80 -13.86 -10.75 13.06
C PHE A 80 -13.34 -9.76 14.11
N GLN A 81 -13.95 -9.77 15.29
CA GLN A 81 -13.58 -8.79 16.30
C GLN A 81 -13.59 -9.43 17.67
N THR A 82 -12.90 -8.79 18.61
CA THR A 82 -13.03 -9.07 20.03
C THR A 82 -13.52 -7.78 20.67
N GLU A 83 -13.60 -7.74 21.99
CA GLU A 83 -14.04 -6.53 22.68
C GLU A 83 -13.16 -5.32 22.37
N SER A 84 -11.85 -5.52 22.28
CA SER A 84 -10.94 -4.40 22.13
C SER A 84 -10.40 -4.18 20.71
N ARG A 85 -10.62 -5.15 19.82
CA ARG A 85 -9.93 -5.14 18.52
C ARG A 85 -10.74 -5.60 17.31
N LEU A 86 -10.30 -5.13 16.14
CA LEU A 86 -10.79 -5.57 14.85
C LEU A 86 -9.67 -6.32 14.11
N PHE A 87 -10.01 -7.43 13.46
CA PHE A 87 -9.04 -8.28 12.77
C PHE A 87 -9.35 -8.47 11.28
N PHE A 88 -8.36 -8.25 10.41
CA PHE A 88 -8.48 -8.61 9.00
C PHE A 88 -7.51 -9.75 8.69
N VAL A 89 -8.02 -10.94 8.36
CA VAL A 89 -7.15 -12.05 7.97
C VAL A 89 -7.02 -12.03 6.45
N ILE A 90 -5.80 -11.88 5.97
CA ILE A 90 -5.55 -11.56 4.57
C ILE A 90 -4.43 -12.47 4.06
N GLU A 91 -4.23 -12.51 2.75
CA GLU A 91 -3.22 -13.44 2.24
C GLU A 91 -1.81 -12.99 2.62
N TYR A 92 -0.97 -13.96 2.95
CA TYR A 92 0.39 -13.75 3.40
C TYR A 92 1.32 -13.73 2.19
N VAL A 93 2.10 -12.67 2.05
CA VAL A 93 2.97 -12.48 0.90
C VAL A 93 4.41 -12.47 1.43
N ASN A 94 5.15 -13.54 1.18
CA ASN A 94 6.37 -13.79 1.97
C ASN A 94 7.70 -13.40 1.34
N GLY A 95 7.64 -12.60 0.28
CA GLY A 95 8.84 -12.04 -0.30
C GLY A 95 9.27 -10.74 0.38
N GLY A 96 8.46 -10.26 1.32
CA GLY A 96 8.75 -9.03 2.03
C GLY A 96 8.29 -7.81 1.25
N ASP A 97 8.51 -6.62 1.80
CA ASP A 97 8.08 -5.41 1.09
C ASP A 97 9.22 -4.73 0.33
N LEU A 98 8.88 -3.73 -0.48
CA LEU A 98 9.87 -3.04 -1.30
C LEU A 98 10.77 -2.10 -0.49
N MET A 99 10.33 -1.72 0.70
CA MET A 99 11.20 -0.95 1.60
C MET A 99 12.37 -1.84 1.98
N PHE A 100 12.06 -3.07 2.36
CA PHE A 100 13.09 -4.04 2.74
C PHE A 100 13.95 -4.41 1.54
N HIS A 101 13.32 -4.52 0.37
CA HIS A 101 14.05 -4.82 -0.86
C HIS A 101 15.05 -3.69 -1.18
N MET A 102 14.61 -2.43 -1.07
CA MET A 102 15.48 -1.30 -1.42
C MET A 102 16.66 -1.15 -0.46
N GLN A 103 16.42 -1.43 0.83
CA GLN A 103 17.48 -1.38 1.83
C GLN A 103 18.56 -2.41 1.49
N ARG A 104 18.14 -3.59 1.04
CA ARG A 104 19.12 -4.62 0.70
C ARG A 104 19.75 -4.46 -0.69
N GLN A 105 18.98 -4.02 -1.68
CA GLN A 105 19.49 -3.88 -3.06
C GLN A 105 20.19 -2.55 -3.34
N ARG A 106 19.79 -1.49 -2.62
CA ARG A 106 20.28 -0.11 -2.79
C ARG A 106 19.76 0.65 -4.01
N LYS A 107 19.70 -0.02 -5.15
CA LYS A 107 19.26 0.60 -6.41
C LYS A 107 18.89 -0.50 -7.41
N LEU A 108 17.82 -0.32 -8.17
CA LEU A 108 17.40 -1.37 -9.11
C LEU A 108 17.65 -1.00 -10.57
N PRO A 109 18.01 -2.00 -11.40
CA PRO A 109 18.14 -1.78 -12.83
C PRO A 109 16.81 -1.30 -13.41
N GLU A 110 16.86 -0.55 -14.51
CA GLU A 110 15.65 0.00 -15.10
CA GLU A 110 15.66 0.00 -15.14
C GLU A 110 14.62 -1.08 -15.43
N GLU A 111 15.08 -2.25 -15.87
CA GLU A 111 14.18 -3.36 -16.20
C GLU A 111 13.35 -3.82 -15.00
N HIS A 112 13.96 -3.84 -13.82
CA HIS A 112 13.25 -4.26 -12.62
C HIS A 112 12.20 -3.23 -12.22
N ALA A 113 12.57 -1.96 -12.29
CA ALA A 113 11.65 -0.86 -11.95
C ALA A 113 10.50 -0.81 -12.93
N ARG A 114 10.80 -1.09 -14.21
CA ARG A 114 9.78 -1.14 -15.25
CA ARG A 114 9.78 -1.16 -15.25
C ARG A 114 8.75 -2.23 -14.91
N PHE A 115 9.24 -3.41 -14.56
CA PHE A 115 8.37 -4.53 -14.21
C PHE A 115 7.48 -4.22 -13.00
N TYR A 116 8.07 -3.70 -11.92
CA TYR A 116 7.29 -3.42 -10.70
C TYR A 116 6.30 -2.29 -10.93
N SER A 117 6.74 -1.24 -11.63
CA SER A 117 5.86 -0.10 -11.84
C SER A 117 4.71 -0.41 -12.78
N ALA A 118 4.93 -1.34 -13.72
CA ALA A 118 3.84 -1.73 -14.61
C ALA A 118 2.78 -2.52 -13.83
N GLU A 119 3.22 -3.42 -12.94
CA GLU A 119 2.28 -4.19 -12.13
C GLU A 119 1.54 -3.28 -11.13
N ILE A 120 2.25 -2.32 -10.52
CA ILE A 120 1.57 -1.34 -9.68
C ILE A 120 0.58 -0.50 -10.47
N SER A 121 0.96 -0.13 -11.69
CA SER A 121 0.07 0.65 -12.53
C SER A 121 -1.24 -0.09 -12.79
N LEU A 122 -1.16 -1.39 -13.05
CA LEU A 122 -2.35 -2.19 -13.30
C LEU A 122 -3.21 -2.29 -12.04
N ALA A 123 -2.56 -2.44 -10.88
CA ALA A 123 -3.31 -2.48 -9.62
C ALA A 123 -4.06 -1.15 -9.39
N LEU A 124 -3.37 -0.02 -9.59
CA LEU A 124 -3.97 1.30 -9.43
C LEU A 124 -5.11 1.55 -10.39
N ASN A 125 -4.93 1.16 -11.66
CA ASN A 125 -5.95 1.36 -12.65
C ASN A 125 -7.22 0.57 -12.31
N TYR A 126 -7.04 -0.63 -11.77
CA TYR A 126 -8.18 -1.44 -11.36
C TYR A 126 -8.99 -0.73 -10.28
N LEU A 127 -8.29 -0.18 -9.29
CA LEU A 127 -8.94 0.62 -8.26
C LEU A 127 -9.64 1.86 -8.84
N HIS A 128 -8.90 2.65 -9.63
CA HIS A 128 -9.47 3.85 -10.24
C HIS A 128 -10.73 3.54 -11.06
N GLU A 129 -10.71 2.44 -11.81
CA GLU A 129 -11.86 2.07 -12.63
C GLU A 129 -13.06 1.77 -11.77
N ARG A 130 -12.80 1.46 -10.70
CA ARG A 130 -13.87 1.16 -9.75
C ARG A 130 -14.17 2.32 -8.78
N GLY A 131 -13.68 3.46 -9.00
CA GLY A 131 -14.01 4.67 -8.28
C GLY A 131 -13.24 4.87 -6.99
N ILE A 132 -12.07 4.25 -6.90
CA ILE A 132 -11.27 4.28 -5.67
C ILE A 132 -9.92 4.96 -5.88
N ILE A 133 -9.64 5.98 -5.07
CA ILE A 133 -8.28 6.55 -5.00
C ILE A 133 -7.56 5.84 -3.87
N TYR A 134 -6.33 5.41 -4.12
CA TYR A 134 -5.58 4.60 -3.16
C TYR A 134 -4.99 5.41 -1.99
N ARG A 135 -4.26 6.46 -2.31
CA ARG A 135 -3.84 7.49 -1.34
C ARG A 135 -2.74 7.17 -0.34
N ASP A 136 -2.12 5.98 -0.40
CA ASP A 136 -0.94 5.72 0.44
C ASP A 136 0.12 4.83 -0.24
N LEU A 137 0.36 5.05 -1.52
CA LEU A 137 1.42 4.32 -2.21
C LEU A 137 2.77 4.72 -1.64
N LYS A 138 3.56 3.72 -1.25
CA LYS A 138 4.87 3.90 -0.64
C LYS A 138 5.60 2.58 -0.70
N LEU A 139 6.92 2.59 -0.57
CA LEU A 139 7.70 1.34 -0.58
C LEU A 139 7.16 0.28 0.40
N ASP A 140 6.76 0.70 1.61
CA ASP A 140 6.30 -0.23 2.65
C ASP A 140 5.00 -0.96 2.31
N ASN A 141 4.22 -0.40 1.39
CA ASN A 141 2.89 -0.92 1.07
C ASN A 141 2.89 -1.77 -0.19
N VAL A 142 4.05 -1.92 -0.82
CA VAL A 142 4.18 -2.80 -1.97
C VAL A 142 4.90 -4.08 -1.56
N LEU A 143 4.20 -5.23 -1.62
CA LEU A 143 4.76 -6.51 -1.22
C LEU A 143 5.24 -7.36 -2.42
N LEU A 144 6.28 -8.16 -2.23
CA LEU A 144 6.71 -9.14 -3.24
C LEU A 144 6.20 -10.51 -2.88
N ASP A 145 5.55 -11.21 -3.81
CA ASP A 145 5.19 -12.60 -3.53
C ASP A 145 6.35 -13.57 -3.78
N SER A 146 6.12 -14.86 -3.54
CA SER A 146 7.15 -15.88 -3.62
C SER A 146 7.81 -15.90 -5.00
N GLU A 147 7.04 -15.59 -6.03
CA GLU A 147 7.52 -15.66 -7.40
C GLU A 147 8.15 -14.36 -7.90
N GLY A 148 7.96 -13.27 -7.16
CA GLY A 148 8.52 -11.99 -7.57
C GLY A 148 7.53 -11.01 -8.17
N HIS A 149 6.25 -11.36 -8.22
CA HIS A 149 5.21 -10.41 -8.61
C HIS A 149 4.89 -9.57 -7.37
N ILE A 150 4.31 -8.39 -7.57
CA ILE A 150 3.96 -7.54 -6.44
C ILE A 150 2.49 -7.65 -6.07
N LYS A 151 2.17 -7.13 -4.88
CA LYS A 151 0.80 -6.87 -4.46
C LYS A 151 0.81 -5.60 -3.63
N LEU A 152 -0.13 -4.69 -3.90
CA LEU A 152 -0.40 -3.55 -3.01
C LEU A 152 -1.21 -4.02 -1.83
N THR A 153 -0.90 -3.50 -0.65
CA THR A 153 -1.73 -3.76 0.53
C THR A 153 -2.07 -2.44 1.23
N ASP A 154 -2.88 -2.50 2.28
CA ASP A 154 -3.22 -1.36 3.13
C ASP A 154 -4.19 -0.39 2.46
N TYR A 155 -5.48 -0.64 2.66
CA TYR A 155 -6.54 0.12 2.00
C TYR A 155 -7.22 1.15 2.91
N GLY A 156 -6.64 1.39 4.08
CA GLY A 156 -7.23 2.29 5.07
C GLY A 156 -7.25 3.78 4.71
N MET A 157 -6.40 4.19 3.78
CA MET A 157 -6.40 5.57 3.29
C MET A 157 -7.33 5.82 2.11
N CYS A 158 -7.95 4.77 1.58
CA CYS A 158 -8.73 4.87 0.35
C CYS A 158 -9.93 5.81 0.42
N LYS A 159 -10.19 6.48 -0.69
CA LYS A 159 -11.45 7.17 -0.93
C LYS A 159 -12.26 6.32 -1.91
N GLU A 160 -13.48 5.95 -1.55
CA GLU A 160 -14.30 5.20 -2.51
C GLU A 160 -15.44 6.06 -3.06
N GLY A 161 -16.08 5.56 -4.12
CA GLY A 161 -17.28 6.18 -4.66
C GLY A 161 -17.12 7.37 -5.59
N LEU A 162 -16.01 7.45 -6.31
CA LEU A 162 -15.81 8.57 -7.22
C LEU A 162 -16.08 8.21 -8.66
N ARG A 163 -16.96 8.96 -9.29
CA ARG A 163 -17.19 8.83 -10.72
C ARG A 163 -15.97 9.45 -11.40
N PRO A 164 -15.78 9.18 -12.71
CA PRO A 164 -14.53 9.53 -13.38
C PRO A 164 -14.04 10.97 -13.16
N GLY A 165 -14.92 11.96 -13.21
CA GLY A 165 -14.51 13.33 -13.00
C GLY A 165 -14.58 13.87 -11.57
N ASP A 166 -14.91 13.01 -10.60
CA ASP A 166 -15.15 13.49 -9.24
C ASP A 166 -13.89 13.73 -8.41
N THR A 167 -14.01 14.57 -7.39
CA THR A 167 -12.86 14.88 -6.55
C THR A 167 -13.19 14.82 -5.07
N THR A 168 -12.15 14.80 -4.24
CA THR A 168 -12.32 14.83 -2.79
C THR A 168 -11.28 15.79 -2.21
N SER A 169 -11.27 15.99 -0.90
CA SER A 169 -10.36 16.99 -0.36
C SER A 169 -9.65 16.69 0.96
N PHE A 171 -6.91 16.03 3.57
CA PHE A 171 -5.46 16.08 3.71
C PHE A 171 -4.96 14.77 4.33
N CYS A 172 -4.29 13.94 3.54
CA CYS A 172 -3.83 12.63 4.02
C CYS A 172 -2.78 12.02 3.09
N GLY A 173 -2.13 10.96 3.54
CA GLY A 173 -1.06 10.33 2.77
C GLY A 173 0.21 10.20 3.61
N THR A 174 1.32 9.85 2.97
CA THR A 174 2.61 9.84 3.65
C THR A 174 3.44 10.98 3.06
N PRO A 175 3.98 11.87 3.92
CA PRO A 175 4.56 13.15 3.47
C PRO A 175 5.52 13.04 2.29
N ASN A 176 6.44 12.08 2.32
CA ASN A 176 7.37 11.88 1.21
C ASN A 176 6.69 11.72 -0.14
N TYR A 177 5.49 11.14 -0.13
CA TYR A 177 4.79 10.76 -1.35
C TYR A 177 3.58 11.65 -1.67
N ILE A 178 3.28 12.61 -0.79
CA ILE A 178 2.07 13.43 -0.95
C ILE A 178 2.17 14.41 -2.13
N ALA A 179 1.16 14.44 -2.99
CA ALA A 179 1.14 15.28 -4.19
C ALA A 179 0.98 16.77 -3.85
N PRO A 180 1.57 17.64 -4.68
CA PRO A 180 1.44 19.10 -4.54
C PRO A 180 -0.01 19.61 -4.41
N GLU A 181 -0.95 19.06 -5.19
CA GLU A 181 -2.34 19.53 -5.12
C GLU A 181 -2.97 19.31 -3.73
N ILE A 182 -2.55 18.25 -3.05
CA ILE A 182 -2.99 18.04 -1.68
C ILE A 182 -2.41 19.11 -0.78
N LEU A 183 -1.10 19.30 -0.87
CA LEU A 183 -0.40 20.28 -0.02
C LEU A 183 -0.93 21.69 -0.21
N ARG A 184 -1.41 22.00 -1.41
CA ARG A 184 -1.96 23.32 -1.70
C ARG A 184 -3.41 23.46 -1.28
N GLY A 185 -4.03 22.36 -0.87
CA GLY A 185 -5.40 22.39 -0.40
C GLY A 185 -6.48 22.35 -1.48
N GLU A 186 -6.12 21.90 -2.68
CA GLU A 186 -7.07 21.80 -3.78
C GLU A 186 -7.89 20.51 -3.66
N ASP A 187 -9.11 20.50 -4.21
CA ASP A 187 -9.83 19.23 -4.40
C ASP A 187 -9.05 18.43 -5.44
N TYR A 188 -9.00 17.11 -5.27
CA TYR A 188 -8.14 16.29 -6.13
C TYR A 188 -8.77 14.94 -6.47
N GLY A 189 -8.30 14.33 -7.55
CA GLY A 189 -8.72 12.99 -7.95
C GLY A 189 -7.63 11.92 -7.94
N PHE A 190 -7.71 11.01 -8.91
CA PHE A 190 -6.79 9.87 -9.02
C PHE A 190 -5.33 10.31 -9.26
N SER A 191 -5.15 11.59 -9.61
CA SER A 191 -3.84 12.16 -9.90
C SER A 191 -2.82 11.95 -8.81
N VAL A 192 -3.27 11.94 -7.56
CA VAL A 192 -2.32 11.89 -6.46
C VAL A 192 -1.61 10.52 -6.40
N ASP A 193 -2.25 9.48 -6.96
CA ASP A 193 -1.65 8.14 -6.98
C ASP A 193 -0.53 8.09 -8.02
N TRP A 194 -0.76 8.71 -9.18
CA TRP A 194 0.27 8.73 -10.23
C TRP A 194 1.50 9.52 -9.78
N TRP A 195 1.28 10.62 -9.05
CA TRP A 195 2.41 11.36 -8.47
C TRP A 195 3.22 10.45 -7.54
N ALA A 196 2.52 9.75 -6.65
CA ALA A 196 3.19 8.88 -5.68
C ALA A 196 3.99 7.79 -6.39
N LEU A 197 3.50 7.34 -7.54
CA LEU A 197 4.20 6.30 -8.29
C LEU A 197 5.49 6.86 -8.87
N GLY A 198 5.43 8.11 -9.32
CA GLY A 198 6.62 8.81 -9.79
C GLY A 198 7.71 8.84 -8.74
N VAL A 199 7.35 9.23 -7.51
CA VAL A 199 8.29 9.22 -6.39
C VAL A 199 8.88 7.83 -6.14
N LEU A 200 8.02 6.83 -6.01
CA LEU A 200 8.46 5.45 -5.79
C LEU A 200 9.40 4.94 -6.91
N MET A 201 9.09 5.28 -8.16
CA MET A 201 9.96 4.89 -9.28
C MET A 201 11.32 5.58 -9.20
N PHE A 202 11.33 6.84 -8.78
CA PHE A 202 12.58 7.56 -8.61
C PHE A 202 13.41 6.87 -7.53
N GLU A 203 12.72 6.47 -6.46
CA GLU A 203 13.37 5.75 -5.36
C GLU A 203 14.02 4.45 -5.86
N MET A 204 13.29 3.68 -6.67
CA MET A 204 13.80 2.39 -7.17
C MET A 204 15.02 2.59 -8.07
N MET A 205 14.96 3.58 -8.95
CA MET A 205 15.99 3.73 -10.00
C MET A 205 17.19 4.58 -9.56
N ALA A 206 16.98 5.50 -8.63
CA ALA A 206 18.06 6.35 -8.11
C ALA A 206 18.60 5.94 -6.73
N GLY A 207 17.81 5.19 -5.96
CA GLY A 207 18.25 4.74 -4.64
C GLY A 207 18.08 5.76 -3.52
N ARG A 208 17.24 6.77 -3.74
CA ARG A 208 16.97 7.79 -2.73
C ARG A 208 15.70 8.50 -3.12
N SER A 209 15.05 9.14 -2.15
CA SER A 209 13.89 9.95 -2.45
C SER A 209 14.32 11.18 -3.24
N PRO A 210 13.49 11.62 -4.18
CA PRO A 210 13.82 12.87 -4.90
C PRO A 210 13.64 14.11 -4.00
N PHE A 211 12.99 13.93 -2.86
CA PHE A 211 12.77 15.01 -1.91
C PHE A 211 13.50 14.83 -0.59
N ASP A 212 14.65 14.18 -0.62
CA ASP A 212 15.33 13.92 0.60
C ASP A 212 15.85 15.20 1.20
N ILE A 213 15.57 15.39 2.46
CA ILE A 213 15.85 16.56 3.24
C ILE A 213 14.83 16.65 4.37
N THR A 224 12.02 19.40 10.07
CA THR A 224 10.57 19.47 10.25
C THR A 224 9.85 19.29 8.92
N GLU A 225 8.65 18.71 8.99
CA GLU A 225 7.91 18.37 7.77
C GLU A 225 7.45 19.59 6.97
N ASP A 226 7.38 20.74 7.64
CA ASP A 226 7.10 22.01 6.95
C ASP A 226 8.11 22.23 5.83
N TYR A 227 9.37 21.91 6.11
CA TYR A 227 10.43 22.03 5.12
C TYR A 227 10.26 21.03 3.99
N LEU A 228 9.85 19.80 4.31
CA LEU A 228 9.62 18.81 3.27
C LEU A 228 8.46 19.25 2.37
N PHE A 229 7.37 19.70 2.99
CA PHE A 229 6.23 20.20 2.22
C PHE A 229 6.65 21.34 1.27
N GLN A 230 7.44 22.28 1.78
CA GLN A 230 7.95 23.38 0.98
C GLN A 230 8.75 22.86 -0.22
N VAL A 231 9.61 21.87 0.02
CA VAL A 231 10.42 21.29 -1.05
C VAL A 231 9.57 20.62 -2.12
N ILE A 232 8.55 19.88 -1.69
CA ILE A 232 7.65 19.22 -2.65
C ILE A 232 6.94 20.25 -3.52
N LEU A 233 6.50 21.35 -2.89
CA LEU A 233 5.78 22.37 -3.63
C LEU A 233 6.67 23.16 -4.59
N GLU A 234 7.97 23.27 -4.30
CA GLU A 234 8.82 24.21 -5.04
CA GLU A 234 8.84 24.21 -5.02
C GLU A 234 9.89 23.59 -5.94
N LYS A 235 10.48 22.48 -5.52
CA LYS A 235 11.58 21.86 -6.25
C LYS A 235 11.18 21.37 -7.64
N GLN A 236 12.03 21.61 -8.63
CA GLN A 236 11.86 20.87 -9.88
C GLN A 236 12.92 19.80 -9.96
N ILE A 237 12.45 18.57 -10.02
CA ILE A 237 13.32 17.41 -9.97
C ILE A 237 14.20 17.33 -11.22
N ARG A 238 15.48 17.04 -10.98
CA ARG A 238 16.45 16.85 -12.04
C ARG A 238 16.91 15.39 -11.99
N ILE A 239 16.83 14.71 -13.14
CA ILE A 239 17.07 13.27 -13.21
C ILE A 239 18.57 12.97 -13.25
N PRO A 240 19.03 11.99 -12.47
CA PRO A 240 20.45 11.55 -12.52
C PRO A 240 20.85 11.18 -13.94
N ARG A 241 22.00 11.67 -14.40
CA ARG A 241 22.33 11.60 -15.83
C ARG A 241 22.53 10.18 -16.38
N LEU A 243 20.61 7.60 -16.07
CA LEU A 243 19.37 6.92 -16.47
C LEU A 243 19.07 7.19 -17.94
N SER A 244 18.40 6.24 -18.60
CA SER A 244 18.09 6.36 -20.02
C SER A 244 17.09 7.49 -20.27
N VAL A 245 17.03 7.93 -21.52
CA VAL A 245 16.11 8.98 -21.92
C VAL A 245 14.67 8.57 -21.57
N LYS A 246 14.31 7.33 -21.86
CA LYS A 246 12.94 6.91 -21.57
C LYS A 246 12.62 6.82 -20.07
N ALA A 247 13.61 6.44 -19.27
CA ALA A 247 13.44 6.43 -17.81
C ALA A 247 13.34 7.85 -17.24
N ALA A 248 14.16 8.75 -17.79
CA ALA A 248 14.14 10.15 -17.39
C ALA A 248 12.80 10.80 -17.76
N SER A 249 12.33 10.51 -18.97
CA SER A 249 11.07 11.03 -19.47
C SER A 249 9.88 10.60 -18.61
N VAL A 250 9.85 9.33 -18.23
CA VAL A 250 8.70 8.82 -17.48
C VAL A 250 8.67 9.41 -16.07
N LEU A 251 9.83 9.54 -15.43
CA LEU A 251 9.91 10.14 -14.11
C LEU A 251 9.45 11.60 -14.10
N LYS A 252 9.95 12.38 -15.05
CA LYS A 252 9.59 13.78 -15.14
CA LYS A 252 9.60 13.79 -15.16
C LYS A 252 8.10 13.99 -15.38
N SER A 253 7.50 13.11 -16.19
CA SER A 253 6.08 13.21 -16.52
C SER A 253 5.17 12.84 -15.35
N PHE A 254 5.49 11.78 -14.62
CA PHE A 254 4.77 11.46 -13.40
C PHE A 254 4.95 12.55 -12.33
N LEU A 255 6.12 13.19 -12.32
CA LEU A 255 6.40 14.20 -11.30
C LEU A 255 6.12 15.64 -11.74
N ASN A 256 5.26 15.79 -12.75
CA ASN A 256 4.72 17.09 -13.09
C ASN A 256 3.88 17.60 -11.91
N LYS A 257 4.13 18.82 -11.45
CA LYS A 257 3.40 19.39 -10.32
C LYS A 257 1.95 19.81 -10.65
N ASP A 258 1.64 19.95 -11.94
CA ASP A 258 0.28 20.22 -12.40
C ASP A 258 -0.45 18.90 -12.70
N PRO A 259 -1.50 18.59 -11.92
CA PRO A 259 -2.22 17.32 -12.05
C PRO A 259 -2.92 17.19 -13.39
N LYS A 260 -3.22 18.31 -14.03
CA LYS A 260 -3.95 18.27 -15.30
C LYS A 260 -3.03 17.87 -16.46
N GLU A 261 -1.72 17.98 -16.23
CA GLU A 261 -0.74 17.66 -17.26
C GLU A 261 0.09 16.40 -16.93
N ARG A 262 0.03 15.94 -15.68
CA ARG A 262 0.79 14.78 -15.21
C ARG A 262 0.40 13.52 -15.96
N LEU A 263 1.40 12.69 -16.28
CA LEU A 263 1.16 11.43 -16.96
C LEU A 263 0.15 10.55 -16.21
N GLY A 264 -0.81 10.00 -16.94
CA GLY A 264 -1.81 9.14 -16.32
C GLY A 264 -3.05 9.87 -15.83
N CYS A 265 -3.01 11.20 -15.83
CA CYS A 265 -4.07 11.95 -15.15
C CYS A 265 -5.15 12.57 -16.04
N HIS A 266 -4.97 12.53 -17.35
CA HIS A 266 -6.02 13.04 -18.23
C HIS A 266 -7.25 12.14 -18.12
N PRO A 267 -8.44 12.75 -18.00
CA PRO A 267 -9.67 11.99 -17.75
C PRO A 267 -10.08 11.06 -18.90
N GLN A 268 -9.68 11.38 -20.13
CA GLN A 268 -9.94 10.50 -21.26
C GLN A 268 -8.76 9.59 -21.65
N THR A 269 -7.56 10.16 -21.74
CA THR A 269 -6.40 9.44 -22.27
C THR A 269 -5.44 8.90 -21.21
N GLY A 270 -5.71 9.23 -19.94
CA GLY A 270 -4.79 8.93 -18.83
C GLY A 270 -4.07 7.60 -18.82
N PHE A 271 -4.80 6.50 -18.67
CA PHE A 271 -4.12 5.20 -18.54
C PHE A 271 -3.53 4.72 -19.88
N ALA A 272 -4.16 5.08 -20.99
CA ALA A 272 -3.56 4.83 -22.31
C ALA A 272 -2.19 5.53 -22.47
N ASP A 273 -2.08 6.77 -22.00
CA ASP A 273 -0.82 7.52 -22.08
C ASP A 273 0.30 6.79 -21.32
N ILE A 274 -0.05 6.17 -20.19
CA ILE A 274 0.91 5.37 -19.46
C ILE A 274 1.33 4.16 -20.29
N GLN A 275 0.36 3.39 -20.75
CA GLN A 275 0.63 2.17 -21.50
C GLN A 275 1.50 2.39 -22.72
N GLY A 276 1.32 3.57 -23.34
CA GLY A 276 2.00 3.88 -24.57
C GLY A 276 3.28 4.69 -24.42
N HIS A 277 3.66 4.99 -23.18
CA HIS A 277 4.91 5.72 -22.95
C HIS A 277 6.10 4.85 -23.40
N PRO A 278 7.13 5.45 -24.02
CA PRO A 278 8.30 4.68 -24.50
C PRO A 278 9.00 3.86 -23.40
N PHE A 279 8.92 4.31 -22.15
CA PHE A 279 9.50 3.55 -21.03
C PHE A 279 8.87 2.18 -20.92
N PHE A 280 7.58 2.09 -21.27
CA PHE A 280 6.85 0.85 -21.10
C PHE A 280 6.68 0.03 -22.39
N ARG A 281 7.46 0.35 -23.42
CA ARG A 281 7.31 -0.31 -24.71
C ARG A 281 7.41 -1.84 -24.65
N ASN A 282 8.29 -2.35 -23.80
CA ASN A 282 8.55 -3.80 -23.75
C ASN A 282 7.55 -4.54 -22.87
N VAL A 283 6.51 -3.85 -22.42
CA VAL A 283 5.53 -4.48 -21.56
C VAL A 283 4.33 -4.99 -22.36
N ASP A 284 4.06 -6.29 -22.30
CA ASP A 284 2.82 -6.81 -22.84
C ASP A 284 1.82 -6.75 -21.69
N TRP A 285 0.99 -5.71 -21.71
CA TRP A 285 0.13 -5.42 -20.56
C TRP A 285 -0.86 -6.54 -20.24
N ASP A 286 -1.39 -7.17 -21.28
CA ASP A 286 -2.39 -8.19 -21.10
C ASP A 286 -1.78 -9.48 -20.52
N MET A 287 -0.62 -9.86 -21.03
CA MET A 287 0.13 -10.98 -20.43
C MET A 287 0.54 -10.68 -18.97
N MET A 288 1.00 -9.46 -18.72
CA MET A 288 1.41 -9.06 -17.38
CA MET A 288 1.41 -9.09 -17.37
C MET A 288 0.27 -9.22 -16.35
N GLU A 289 -0.91 -8.71 -16.69
CA GLU A 289 -2.08 -8.78 -15.79
C GLU A 289 -2.56 -10.22 -15.56
N GLN A 290 -2.05 -11.16 -16.35
CA GLN A 290 -2.35 -12.58 -16.16
C GLN A 290 -1.18 -13.32 -15.51
N LYS A 291 -0.18 -12.57 -15.04
CA LYS A 291 1.03 -13.13 -14.43
C LYS A 291 1.72 -14.10 -15.38
N GLN A 292 1.66 -13.82 -16.68
CA GLN A 292 2.35 -14.65 -17.65
C GLN A 292 3.73 -14.12 -18.05
N VAL A 293 4.18 -13.06 -17.40
CA VAL A 293 5.54 -12.55 -17.61
C VAL A 293 6.40 -12.94 -16.41
N VAL A 294 7.50 -13.66 -16.65
CA VAL A 294 8.39 -14.06 -15.56
C VAL A 294 9.11 -12.85 -14.93
N PRO A 295 9.03 -12.72 -13.59
CA PRO A 295 9.64 -11.57 -12.89
C PRO A 295 11.17 -11.57 -13.06
N PRO A 296 11.79 -10.38 -12.99
CA PRO A 296 13.25 -10.25 -13.16
C PRO A 296 14.03 -10.65 -11.90
N PHE A 297 13.34 -10.80 -10.78
CA PHE A 297 13.99 -11.18 -9.53
C PHE A 297 13.16 -12.23 -8.79
N LYS A 298 13.82 -13.28 -8.34
CA LYS A 298 13.15 -14.33 -7.58
C LYS A 298 13.52 -14.24 -6.09
N PRO A 299 12.53 -13.95 -5.22
CA PRO A 299 12.81 -13.93 -3.78
C PRO A 299 13.33 -15.27 -3.23
N ASN A 300 14.25 -15.16 -2.29
CA ASN A 300 14.76 -16.30 -1.57
C ASN A 300 13.85 -16.56 -0.37
N ILE A 301 13.20 -17.72 -0.36
CA ILE A 301 12.34 -18.02 0.78
C ILE A 301 13.15 -18.81 1.81
N SER A 302 13.75 -18.10 2.75
CA SER A 302 14.52 -18.76 3.81
C SER A 302 14.08 -18.39 5.21
N GLY A 303 14.46 -19.21 6.18
CA GLY A 303 13.94 -19.10 7.53
C GLY A 303 12.53 -19.65 7.54
N GLU A 304 12.00 -19.91 8.73
CA GLU A 304 10.64 -20.39 8.89
C GLU A 304 9.65 -19.45 8.18
N PHE A 305 8.83 -20.01 7.30
CA PHE A 305 7.77 -19.26 6.60
C PHE A 305 8.29 -18.08 5.74
N GLY A 306 9.58 -18.08 5.43
CA GLY A 306 10.15 -17.00 4.66
C GLY A 306 10.39 -15.75 5.48
N LEU A 307 10.37 -15.89 6.80
CA LEU A 307 10.48 -14.74 7.72
C LEU A 307 11.77 -13.95 7.61
N ASP A 308 12.81 -14.50 7.00
CA ASP A 308 14.05 -13.76 6.75
C ASP A 308 13.80 -12.56 5.81
N ASN A 309 12.66 -12.55 5.12
CA ASN A 309 12.32 -11.40 4.27
C ASN A 309 11.58 -10.29 5.00
N PHE A 310 11.55 -10.38 6.33
CA PHE A 310 10.89 -9.36 7.13
C PHE A 310 11.88 -8.77 8.14
N ASP A 311 11.80 -7.45 8.35
CA ASP A 311 12.73 -6.74 9.25
C ASP A 311 12.72 -7.36 10.65
N SER A 312 13.91 -7.61 11.18
CA SER A 312 14.05 -8.27 12.49
C SER A 312 13.54 -7.40 13.61
N GLN A 313 13.38 -6.10 13.40
CA GLN A 313 12.78 -5.27 14.42
C GLN A 313 11.34 -5.72 14.72
N PHE A 314 10.65 -6.24 13.70
CA PHE A 314 9.32 -6.83 13.91
C PHE A 314 9.38 -8.29 14.35
N THR A 315 10.16 -9.11 13.64
CA THR A 315 10.18 -10.54 13.93
C THR A 315 10.84 -10.87 15.26
N ASN A 316 11.46 -9.89 15.90
CA ASN A 316 12.00 -10.11 17.24
C ASN A 316 11.05 -9.69 18.35
N GLU A 317 9.93 -9.05 17.99
CA GLU A 317 8.96 -8.62 18.98
C GLU A 317 8.29 -9.83 19.61
N PRO A 318 7.91 -9.69 20.89
CA PRO A 318 7.09 -10.71 21.55
C PRO A 318 5.82 -10.93 20.74
N VAL A 319 5.50 -12.19 20.47
CA VAL A 319 4.32 -12.50 19.65
C VAL A 319 3.09 -12.36 20.53
N GLN A 320 2.48 -11.18 20.51
CA GLN A 320 1.41 -10.87 21.44
C GLN A 320 0.50 -9.75 20.97
N LEU A 321 -0.73 -9.81 21.45
CA LEU A 321 -1.64 -8.68 21.38
C LEU A 321 -1.53 -7.95 22.71
N PRO A 323 -1.93 -6.16 26.16
CA PRO A 323 -3.02 -6.28 27.14
C PRO A 323 -3.93 -5.04 27.19
N ASP A 324 -5.21 -5.26 27.40
CA ASP A 324 -6.19 -4.19 27.36
C ASP A 324 -6.22 -3.39 28.65
N ASP A 325 -6.60 -2.13 28.54
CA ASP A 325 -7.01 -1.35 29.70
C ASP A 325 -8.52 -1.55 29.85
N ASP A 326 -8.92 -2.33 30.85
CA ASP A 326 -10.33 -2.68 31.04
C ASP A 326 -11.23 -1.46 31.14
N ASP A 327 -10.75 -0.40 31.80
CA ASP A 327 -11.52 0.82 31.99
C ASP A 327 -11.87 1.45 30.65
N ILE A 328 -10.93 1.41 29.73
CA ILE A 328 -11.16 1.97 28.40
C ILE A 328 -12.08 1.06 27.58
N VAL A 329 -11.81 -0.25 27.62
CA VAL A 329 -12.56 -1.20 26.80
C VAL A 329 -14.05 -1.25 27.16
N ARG A 330 -14.35 -1.18 28.45
CA ARG A 330 -15.73 -1.28 28.92
C ARG A 330 -16.60 -0.09 28.49
N LYS A 331 -15.96 0.98 28.01
CA LYS A 331 -16.71 2.17 27.57
C LYS A 331 -16.95 2.17 26.05
N ILE A 332 -16.39 1.18 25.37
CA ILE A 332 -16.53 1.10 23.92
C ILE A 332 -17.95 0.75 23.46
N ASP A 333 -18.49 1.55 22.54
CA ASP A 333 -19.74 1.24 21.86
C ASP A 333 -19.53 0.04 20.92
N GLN A 334 -20.06 -1.12 21.28
CA GLN A 334 -19.84 -2.32 20.48
C GLN A 334 -20.80 -2.46 19.30
N SER A 335 -21.80 -1.60 19.23
CA SER A 335 -22.82 -1.72 18.18
C SER A 335 -22.30 -1.20 16.84
N GLU A 336 -21.27 -0.37 16.86
CA GLU A 336 -20.82 0.27 15.63
C GLU A 336 -20.06 -0.66 14.69
N PHE A 337 -19.77 -1.87 15.17
CA PHE A 337 -19.11 -2.90 14.37
C PHE A 337 -20.00 -4.13 14.21
N GLU A 338 -21.31 -3.94 14.31
CA GLU A 338 -22.24 -5.05 14.11
C GLU A 338 -22.18 -5.48 12.66
N GLY A 339 -22.00 -6.78 12.44
CA GLY A 339 -21.96 -7.32 11.09
C GLY A 339 -20.58 -7.23 10.45
N PHE A 340 -19.57 -6.96 11.27
CA PHE A 340 -18.19 -6.93 10.79
C PHE A 340 -17.72 -8.33 10.34
N GLU A 341 -18.25 -9.38 10.97
CA GLU A 341 -17.84 -10.75 10.69
C GLU A 341 -18.02 -11.13 9.24
N TYR A 342 -16.98 -11.72 8.66
CA TYR A 342 -17.01 -12.06 7.25
C TYR A 342 -16.10 -13.25 6.95
N ILE A 343 -16.53 -14.10 6.02
CA ILE A 343 -15.68 -15.13 5.45
CA ILE A 343 -15.67 -15.12 5.45
C ILE A 343 -15.79 -15.05 3.93
N ASN A 344 -14.65 -15.06 3.24
CA ASN A 344 -14.64 -15.05 1.78
C ASN A 344 -15.21 -16.37 1.27
N PRO A 345 -16.36 -16.32 0.57
CA PRO A 345 -17.05 -17.55 0.14
C PRO A 345 -16.32 -18.28 -1.00
N LEU A 346 -15.31 -17.62 -1.58
CA LEU A 346 -14.48 -18.26 -2.58
C LEU A 346 -13.18 -18.78 -1.94
N LEU A 347 -13.32 -19.34 -0.74
CA LEU A 347 -12.20 -19.88 0.05
C LEU A 347 -11.23 -18.83 0.56
N LEU B 1 20.01 4.00 6.50
CA LEU B 1 20.66 5.20 5.98
C LEU B 1 19.78 5.86 4.91
N ALA B 2 19.87 5.37 3.68
CA ALA B 2 19.09 5.89 2.56
C ALA B 2 17.59 5.86 2.85
N PHE B 3 17.07 4.67 3.13
CA PHE B 3 15.66 4.51 3.47
C PHE B 3 15.50 4.08 4.93
N GLN B 4 14.75 4.87 5.69
CA GLN B 4 14.49 4.58 7.10
C GLN B 4 12.99 4.33 7.30
N ARG B 5 12.66 3.10 7.69
CA ARG B 5 11.27 2.72 7.89
C ARG B 5 10.64 3.56 9.02
N GLU B 6 9.52 4.21 8.72
CA GLU B 6 8.87 5.13 9.65
C GLU B 6 9.74 6.32 10.08
N GLY B 7 10.79 6.59 9.30
CA GLY B 7 11.64 7.74 9.58
C GLY B 7 10.97 9.04 9.20
N PHE B 8 11.73 10.13 9.20
CA PHE B 8 11.22 11.45 8.83
C PHE B 8 10.51 11.41 7.47
N GLY B 9 9.27 11.87 7.46
CA GLY B 9 8.48 11.98 6.24
C GLY B 9 7.94 10.66 5.72
N ARG B 10 8.13 9.58 6.48
CA ARG B 10 7.73 8.26 6.00
C ARG B 10 6.60 7.61 6.79
N GLN B 11 5.92 8.40 7.62
CA GLN B 11 4.78 7.91 8.39
C GLN B 11 3.44 8.33 7.76
N SER B 12 2.51 7.39 7.63
CA SER B 12 1.19 7.67 7.08
C SER B 12 0.45 8.60 8.02
N MET B 13 -0.36 9.49 7.47
CA MET B 13 -1.17 10.37 8.33
C MET B 13 -2.45 10.81 7.63
N SER B 14 -3.39 11.34 8.40
CA SER B 14 -4.64 11.82 7.84
C SER B 14 -5.31 12.75 8.84
N GLU B 15 -5.89 13.86 8.35
CA GLU B 15 -6.72 14.69 9.20
C GLU B 15 -8.03 13.99 9.61
N LYS B 16 -8.41 12.91 8.91
CA LYS B 16 -9.62 12.17 9.26
C LYS B 16 -9.39 10.79 9.90
N ARG B 17 -8.16 10.47 10.28
CA ARG B 17 -7.89 9.18 10.89
C ARG B 17 -7.13 9.35 12.19
N THR B 18 -7.67 8.82 13.28
CA THR B 18 -6.99 8.86 14.57
C THR B 18 -5.76 7.97 14.59
N LYS B 19 -4.64 8.52 15.02
CA LYS B 19 -3.37 7.80 15.05
C LYS B 19 -3.03 7.41 16.48
N GLN B 20 -1.84 6.85 16.68
CA GLN B 20 -1.24 6.66 17.99
C GLN B 20 -2.16 5.98 19.01
#